data_4ZT1
#
_entry.id   4ZT1
#
_cell.length_a   120.446
_cell.length_b   76.417
_cell.length_c   73.020
_cell.angle_alpha   90.00
_cell.angle_beta   109.98
_cell.angle_gamma   90.00
#
_symmetry.space_group_name_H-M   'C 1 2 1'
#
loop_
_entity.id
_entity.type
_entity.pdbx_description
1 polymer Cadherin-1
2 non-polymer 'CALCIUM ION'
3 water water
#
_entity_poly.entity_id   1
_entity_poly.type   'polypeptide(L)'
_entity_poly.pdbx_seq_one_letter_code
;VIPPISCPENEKGPFPKNLVQIKSNKDKEGKVFYSITGQGADTPPVGVFIIERETGWLKVTEPLDRERIATYTLFSHAVS
SNGNAVEDPMEILITVTDQNDNKPEFTQEVFKGSVMEGALPGTSVMEVTATDADDDVNTYNAAIAYTILSQDPELPDKNM
FTINRNTGVISVVTTGLDRESFPTYTLVVQAADLQGEGLSTTATAVITVTD
;
_entity_poly.pdbx_strand_id   A,B
#
# COMPACT_ATOMS: atom_id res chain seq x y z
N PRO A 3 -1.77 25.34 -8.43
CA PRO A 3 -0.78 24.50 -7.75
C PRO A 3 -1.00 23.01 -8.00
N PRO A 4 0.09 22.23 -8.07
CA PRO A 4 0.02 20.82 -8.45
C PRO A 4 -0.84 19.99 -7.50
N ILE A 5 -1.57 19.04 -8.07
CA ILE A 5 -2.53 18.23 -7.32
C ILE A 5 -2.07 16.78 -7.37
N SER A 6 -2.34 16.04 -6.29
CA SER A 6 -2.00 14.63 -6.24
C SER A 6 -3.22 13.82 -5.82
N CYS A 7 -3.31 12.61 -6.33
CA CYS A 7 -4.39 11.68 -5.95
C CYS A 7 -3.85 10.26 -5.93
N PRO A 8 -4.09 9.52 -4.85
CA PRO A 8 -3.71 8.12 -4.78
C PRO A 8 -4.48 7.27 -5.79
N GLU A 9 -3.83 6.24 -6.32
CA GLU A 9 -4.52 5.22 -7.11
C GLU A 9 -5.38 4.35 -6.23
N ASN A 10 -6.42 3.76 -6.82
CA ASN A 10 -7.17 2.67 -6.22
C ASN A 10 -8.04 3.11 -5.05
N GLU A 11 -8.50 4.36 -5.06
CA GLU A 11 -9.34 4.84 -3.97
C GLU A 11 -10.71 4.21 -4.00
N LYS A 12 -11.27 3.96 -2.83
CA LYS A 12 -12.66 3.54 -2.71
C LYS A 12 -13.57 4.71 -3.04
N GLY A 13 -14.80 4.39 -3.44
CA GLY A 13 -15.87 5.38 -3.52
C GLY A 13 -16.35 5.79 -2.15
N PRO A 14 -17.29 6.73 -2.11
CA PRO A 14 -18.09 7.08 -3.28
C PRO A 14 -17.38 8.06 -4.22
N PHE A 15 -17.78 8.04 -5.49
CA PHE A 15 -17.38 9.08 -6.44
C PHE A 15 -18.61 9.87 -6.88
N PRO A 16 -18.39 11.10 -7.35
CA PRO A 16 -17.07 11.66 -7.52
C PRO A 16 -16.47 12.17 -6.23
N LYS A 17 -15.23 12.63 -6.30
CA LYS A 17 -14.53 13.17 -5.15
C LYS A 17 -13.90 14.50 -5.51
N ASN A 18 -14.04 15.47 -4.62
CA ASN A 18 -13.41 16.76 -4.79
C ASN A 18 -11.89 16.65 -4.76
N LEU A 19 -11.23 17.37 -5.66
CA LEU A 19 -9.78 17.48 -5.61
C LEU A 19 -9.37 18.89 -5.19
N VAL A 20 -10.06 19.88 -5.73
CA VAL A 20 -9.70 21.28 -5.53
C VAL A 20 -10.69 22.19 -6.22
N GLN A 21 -10.91 23.37 -5.66
CA GLN A 21 -11.81 24.36 -6.25
C GLN A 21 -11.03 25.37 -7.08
N ILE A 22 -11.32 25.43 -8.38
CA ILE A 22 -10.70 26.42 -9.25
C ILE A 22 -11.41 27.76 -9.14
N LYS A 23 -10.64 28.84 -9.18
CA LYS A 23 -11.17 30.19 -9.05
C LYS A 23 -10.51 31.14 -10.04
N SER A 24 -11.33 31.85 -10.81
CA SER A 24 -10.85 33.01 -11.56
C SER A 24 -10.94 34.28 -10.71
N ASN A 25 -9.84 35.01 -10.62
CA ASN A 25 -9.85 36.34 -10.02
C ASN A 25 -10.76 37.31 -10.79
N LYS A 26 -11.32 36.82 -11.89
CA LYS A 26 -12.20 37.64 -12.74
C LYS A 26 -13.66 37.35 -12.44
N ASP A 27 -13.97 37.12 -11.16
CA ASP A 27 -15.35 37.20 -10.68
C ASP A 27 -15.80 38.65 -10.62
N LYS A 28 -14.85 39.57 -10.79
CA LYS A 28 -15.16 40.97 -11.04
C LYS A 28 -16.16 41.11 -12.18
N GLU A 29 -16.19 40.13 -13.07
CA GLU A 29 -17.05 40.17 -14.24
C GLU A 29 -18.39 39.48 -13.96
N GLY A 30 -18.67 39.25 -12.68
CA GLY A 30 -19.82 38.44 -12.28
C GLY A 30 -19.64 36.99 -12.66
N LYS A 31 -20.53 36.48 -13.51
CA LYS A 31 -20.75 35.04 -13.65
C LYS A 31 -19.70 34.42 -14.56
N VAL A 32 -18.95 33.47 -14.01
CA VAL A 32 -18.00 32.68 -14.80
C VAL A 32 -18.43 31.22 -14.84
N PHE A 33 -18.35 30.61 -16.02
CA PHE A 33 -18.59 29.18 -16.16
C PHE A 33 -17.28 28.43 -16.41
N TYR A 34 -17.08 27.34 -15.67
CA TYR A 34 -15.81 26.63 -15.69
C TYR A 34 -15.92 25.37 -16.54
N SER A 35 -14.83 25.01 -17.22
CA SER A 35 -14.72 23.71 -17.86
C SER A 35 -13.26 23.30 -18.01
N ILE A 36 -13.03 22.02 -18.31
CA ILE A 36 -11.68 21.49 -18.44
C ILE A 36 -11.49 20.71 -19.73
N THR A 37 -10.29 20.80 -20.27
CA THR A 37 -9.89 20.01 -21.42
C THR A 37 -8.62 19.19 -21.11
N GLY A 38 -8.35 18.20 -21.93
CA GLY A 38 -7.15 17.39 -21.79
C GLY A 38 -7.46 15.91 -21.75
N GLN A 39 -6.41 15.10 -21.85
CA GLN A 39 -6.55 13.65 -21.70
C GLN A 39 -6.92 13.30 -20.25
N GLY A 40 -8.03 12.59 -20.10
CA GLY A 40 -8.65 12.40 -18.78
C GLY A 40 -9.83 13.32 -18.55
N ALA A 41 -9.94 14.35 -19.37
CA ALA A 41 -11.09 15.25 -19.34
C ALA A 41 -12.00 15.02 -20.54
N ASP A 42 -11.71 15.71 -21.64
CA ASP A 42 -12.58 15.64 -22.82
C ASP A 42 -11.97 14.78 -23.91
N THR A 43 -10.73 14.33 -23.72
CA THR A 43 -10.14 13.32 -24.60
C THR A 43 -9.63 12.10 -23.82
N PRO A 44 -9.46 10.97 -24.53
CA PRO A 44 -9.36 9.69 -23.84
C PRO A 44 -8.17 9.65 -22.89
N PRO A 45 -8.41 9.19 -21.66
CA PRO A 45 -9.68 8.61 -21.26
C PRO A 45 -10.67 9.67 -20.76
N VAL A 46 -11.86 9.68 -21.35
CA VAL A 46 -12.77 10.79 -21.17
C VAL A 46 -13.48 10.71 -19.82
N GLY A 47 -13.55 11.84 -19.13
CA GLY A 47 -14.44 12.00 -17.98
C GLY A 47 -13.91 11.41 -16.68
N VAL A 48 -12.62 11.09 -16.66
CA VAL A 48 -11.98 10.64 -15.41
C VAL A 48 -11.92 11.80 -14.42
N PHE A 49 -11.74 13.00 -14.97
CA PHE A 49 -11.93 14.23 -14.22
C PHE A 49 -13.04 15.08 -14.83
N ILE A 50 -13.80 15.73 -13.97
CA ILE A 50 -14.81 16.69 -14.38
C ILE A 50 -14.69 17.96 -13.53
N ILE A 51 -15.28 19.05 -14.02
CA ILE A 51 -15.36 20.26 -13.22
C ILE A 51 -16.80 20.78 -13.19
N GLU A 52 -17.26 21.12 -11.99
CA GLU A 52 -18.57 21.76 -11.82
C GLU A 52 -18.58 23.14 -12.48
N ARG A 53 -19.57 23.37 -13.34
CA ARG A 53 -19.58 24.54 -14.21
C ARG A 53 -19.60 25.84 -13.41
N GLU A 54 -20.33 25.85 -12.30
CA GLU A 54 -20.61 27.09 -11.60
C GLU A 54 -19.70 27.27 -10.40
N THR A 55 -19.37 26.17 -9.73
CA THR A 55 -18.63 26.23 -8.47
C THR A 55 -17.13 26.17 -8.70
N GLY A 56 -16.72 25.55 -9.81
CA GLY A 56 -15.31 25.43 -10.14
C GLY A 56 -14.64 24.25 -9.45
N TRP A 57 -15.45 23.41 -8.81
CA TRP A 57 -14.92 22.22 -8.14
C TRP A 57 -14.47 21.18 -9.16
N LEU A 58 -13.20 20.82 -9.06
CA LEU A 58 -12.59 19.80 -9.93
C LEU A 58 -12.59 18.46 -9.22
N LYS A 59 -13.26 17.48 -9.83
CA LYS A 59 -13.49 16.21 -9.16
C LYS A 59 -12.85 15.07 -9.95
N VAL A 60 -12.59 13.96 -9.25
CA VAL A 60 -12.26 12.69 -9.90
C VAL A 60 -13.43 11.72 -9.78
N THR A 61 -13.72 11.01 -10.88
CA THR A 61 -15.01 10.31 -11.00
C THR A 61 -14.87 8.79 -10.84
N GLU A 62 -13.64 8.31 -10.77
CA GLU A 62 -13.39 6.88 -10.65
C GLU A 62 -11.98 6.66 -10.12
N PRO A 63 -11.66 5.40 -9.74
CA PRO A 63 -10.31 5.07 -9.30
C PRO A 63 -9.28 5.32 -10.38
N LEU A 64 -8.07 5.69 -9.96
CA LEU A 64 -6.94 5.83 -10.88
C LEU A 64 -6.03 4.61 -10.77
N ASP A 65 -5.08 4.52 -11.70
CA ASP A 65 -4.12 3.42 -11.75
C ASP A 65 -2.78 3.95 -12.19
N ARG A 66 -1.86 4.08 -11.23
CA ARG A 66 -0.60 4.77 -11.50
C ARG A 66 0.18 4.04 -12.57
N GLU A 67 -0.01 2.73 -12.67
CA GLU A 67 0.81 1.93 -13.57
C GLU A 67 0.29 2.02 -15.00
N ARG A 68 -0.86 2.68 -15.16
CA ARG A 68 -1.43 2.90 -16.49
C ARG A 68 -1.26 4.36 -16.92
N ILE A 69 -1.70 5.29 -16.07
CA ILE A 69 -1.37 6.69 -16.23
C ILE A 69 -0.95 7.30 -14.90
N ALA A 70 0.22 7.92 -14.87
CA ALA A 70 0.81 8.36 -13.61
C ALA A 70 0.66 9.86 -13.43
N THR A 71 0.47 10.58 -14.53
CA THR A 71 0.18 12.01 -14.47
C THR A 71 -0.84 12.42 -15.53
N TYR A 72 -1.56 13.49 -15.23
CA TYR A 72 -2.48 14.09 -16.18
C TYR A 72 -2.17 15.57 -16.31
N THR A 73 -2.34 16.11 -17.51
CA THR A 73 -2.21 17.54 -17.74
C THR A 73 -3.50 18.08 -18.33
N LEU A 74 -4.22 18.86 -17.53
CA LEU A 74 -5.49 19.41 -17.94
C LEU A 74 -5.39 20.93 -18.06
N PHE A 75 -6.38 21.53 -18.70
CA PHE A 75 -6.50 22.98 -18.71
C PHE A 75 -7.91 23.40 -18.31
N SER A 76 -8.00 24.34 -17.39
CA SER A 76 -9.30 24.87 -16.98
C SER A 76 -9.62 26.13 -17.75
N HIS A 77 -10.89 26.26 -18.14
CA HIS A 77 -11.36 27.38 -18.94
C HIS A 77 -12.42 28.14 -18.18
N ALA A 78 -12.48 29.46 -18.39
CA ALA A 78 -13.40 30.32 -17.66
C ALA A 78 -14.10 31.29 -18.61
N VAL A 79 -15.42 31.19 -18.67
CA VAL A 79 -16.20 31.86 -19.72
C VAL A 79 -17.34 32.66 -19.10
N SER A 80 -17.58 33.86 -19.62
CA SER A 80 -18.67 34.72 -19.14
C SER A 80 -20.01 34.27 -19.70
N SER A 81 -21.10 34.79 -19.11
CA SER A 81 -22.44 34.36 -19.47
C SER A 81 -22.88 34.93 -20.83
N ASN A 82 -22.15 35.93 -21.32
CA ASN A 82 -22.36 36.42 -22.69
C ASN A 82 -21.57 35.60 -23.71
N GLY A 83 -20.55 34.90 -23.24
CA GLY A 83 -20.02 33.74 -23.95
C GLY A 83 -18.57 33.91 -24.38
N ASN A 84 -17.84 34.79 -23.72
CA ASN A 84 -16.44 35.02 -24.01
C ASN A 84 -15.53 34.45 -22.92
N ALA A 85 -14.40 33.89 -23.33
CA ALA A 85 -13.35 33.52 -22.39
C ALA A 85 -12.85 34.78 -21.67
N VAL A 86 -12.81 34.71 -20.34
CA VAL A 86 -12.33 35.82 -19.53
C VAL A 86 -10.87 35.65 -19.13
N GLU A 87 -10.33 34.45 -19.35
CA GLU A 87 -8.92 34.18 -19.11
C GLU A 87 -8.40 33.22 -20.16
N ASP A 88 -7.08 33.18 -20.31
CA ASP A 88 -6.41 32.05 -20.97
C ASP A 88 -6.62 30.77 -20.18
N PRO A 89 -6.65 29.63 -20.88
CA PRO A 89 -6.73 28.33 -20.23
C PRO A 89 -5.59 28.12 -19.25
N MET A 90 -5.91 27.66 -18.05
CA MET A 90 -4.93 27.49 -16.99
C MET A 90 -4.54 26.02 -16.85
N GLU A 91 -3.24 25.74 -16.93
CA GLU A 91 -2.75 24.37 -16.85
C GLU A 91 -2.98 23.79 -15.47
N ILE A 92 -3.38 22.53 -15.42
CA ILE A 92 -3.49 21.81 -14.16
C ILE A 92 -2.72 20.50 -14.24
N LEU A 93 -1.90 20.24 -13.23
CA LEU A 93 -1.09 19.02 -13.21
C LEU A 93 -1.53 18.10 -12.08
N ILE A 94 -1.85 16.86 -12.44
CA ILE A 94 -2.36 15.89 -11.49
C ILE A 94 -1.43 14.69 -11.42
N THR A 95 -0.89 14.43 -10.23
CA THR A 95 0.04 13.33 -10.03
C THR A 95 -0.66 12.19 -9.30
N VAL A 96 -0.62 11.01 -9.91
CA VAL A 96 -1.17 9.82 -9.28
C VAL A 96 -0.10 9.16 -8.42
N THR A 97 -0.39 8.99 -7.14
CA THR A 97 0.59 8.41 -6.21
C THR A 97 0.33 6.93 -6.00
N ASP A 98 1.40 6.20 -5.68
CA ASP A 98 1.44 4.75 -5.86
C ASP A 98 0.82 4.03 -4.65
N GLN A 99 0.09 2.95 -4.92
CA GLN A 99 -0.20 1.94 -3.91
C GLN A 99 0.52 0.64 -4.26
N ASN A 100 0.81 -0.16 -3.23
CA ASN A 100 1.45 -1.46 -3.45
C ASN A 100 0.45 -2.50 -3.95
N ASP A 101 0.14 -2.45 -5.24
CA ASP A 101 -0.91 -3.28 -5.81
C ASP A 101 -0.35 -4.21 -6.89
N ASN A 102 0.98 -4.29 -6.97
CA ASN A 102 1.64 -5.29 -7.79
C ASN A 102 2.59 -6.16 -6.96
N LYS A 103 2.35 -7.46 -7.00
CA LYS A 103 3.29 -8.44 -6.47
C LYS A 103 4.51 -8.53 -7.36
N PRO A 104 5.69 -8.76 -6.76
CA PRO A 104 6.86 -9.10 -7.56
C PRO A 104 6.58 -10.28 -8.49
N GLU A 105 7.18 -10.23 -9.68
CA GLU A 105 6.97 -11.27 -10.67
C GLU A 105 8.31 -11.78 -11.18
N PHE A 106 8.55 -13.07 -10.95
CA PHE A 106 9.79 -13.68 -11.41
C PHE A 106 9.80 -13.71 -12.94
N THR A 107 10.95 -13.43 -13.54
CA THR A 107 11.04 -13.34 -14.99
C THR A 107 10.81 -14.70 -15.64
N GLN A 108 11.10 -15.76 -14.91
CA GLN A 108 10.75 -17.12 -15.33
C GLN A 108 10.04 -17.83 -14.19
N GLU A 109 9.31 -18.89 -14.53
CA GLU A 109 8.76 -19.77 -13.50
C GLU A 109 9.80 -20.73 -12.95
N VAL A 110 10.74 -21.15 -13.81
CA VAL A 110 11.77 -22.11 -13.42
C VAL A 110 13.11 -21.63 -13.94
N PHE A 111 14.02 -21.32 -13.01
CA PHE A 111 15.39 -20.97 -13.37
C PHE A 111 16.26 -22.20 -13.25
N LYS A 112 17.21 -22.35 -14.16
CA LYS A 112 18.05 -23.53 -14.18
C LYS A 112 19.52 -23.16 -14.12
N GLY A 113 20.28 -23.92 -13.34
CA GLY A 113 21.69 -23.66 -13.15
C GLY A 113 22.44 -24.95 -12.90
N SER A 114 23.72 -24.83 -12.58
CA SER A 114 24.53 -26.00 -12.34
C SER A 114 25.65 -25.65 -11.39
N VAL A 115 26.15 -26.69 -10.72
CA VAL A 115 27.20 -26.50 -9.72
C VAL A 115 28.07 -27.74 -9.70
N MET A 116 29.37 -27.52 -9.55
CA MET A 116 30.35 -28.59 -9.62
C MET A 116 30.54 -29.24 -8.24
N GLU A 117 30.58 -30.55 -8.20
CA GLU A 117 31.06 -31.28 -7.03
C GLU A 117 32.36 -30.66 -6.53
N GLY A 118 32.42 -30.39 -5.23
CA GLY A 118 33.64 -29.91 -4.61
C GLY A 118 33.82 -28.42 -4.77
N ALA A 119 32.80 -27.74 -5.30
CA ALA A 119 32.79 -26.29 -5.30
C ALA A 119 33.02 -25.77 -3.89
N LEU A 120 33.91 -24.80 -3.77
CA LEU A 120 34.19 -24.17 -2.48
C LEU A 120 32.91 -23.57 -1.89
N PRO A 121 32.67 -23.82 -0.59
CA PRO A 121 31.67 -23.08 0.15
C PRO A 121 31.83 -21.58 -0.04
N GLY A 122 30.77 -20.94 -0.53
CA GLY A 122 30.81 -19.51 -0.84
C GLY A 122 30.87 -19.23 -2.33
N THR A 123 30.73 -20.27 -3.14
CA THR A 123 30.78 -20.12 -4.59
C THR A 123 29.40 -19.77 -5.14
N SER A 124 29.35 -18.72 -5.96
CA SER A 124 28.13 -18.38 -6.70
C SER A 124 27.74 -19.47 -7.68
N VAL A 125 26.43 -19.69 -7.81
CA VAL A 125 25.93 -20.78 -8.63
C VAL A 125 25.08 -20.24 -9.78
N MET A 126 24.13 -19.38 -9.46
CA MET A 126 23.16 -18.91 -10.45
C MET A 126 22.44 -17.68 -9.91
N GLU A 127 21.57 -17.09 -10.72
CA GLU A 127 20.85 -15.90 -10.32
C GLU A 127 19.38 -16.02 -10.69
N VAL A 128 18.49 -15.68 -9.77
CA VAL A 128 17.09 -15.51 -10.10
C VAL A 128 16.70 -14.04 -10.03
N THR A 129 15.66 -13.69 -10.78
CA THR A 129 15.31 -12.28 -10.95
C THR A 129 13.80 -12.08 -10.96
N ALA A 130 13.35 -11.12 -10.16
CA ALA A 130 11.95 -10.70 -10.18
C ALA A 130 11.86 -9.21 -10.44
N THR A 131 10.74 -8.77 -11.02
CA THR A 131 10.46 -7.34 -11.14
C THR A 131 9.18 -6.98 -10.38
N ASP A 132 8.99 -5.68 -10.17
CA ASP A 132 7.82 -5.18 -9.46
C ASP A 132 7.39 -3.85 -10.09
N ALA A 133 6.15 -3.81 -10.58
CA ALA A 133 5.70 -2.72 -11.43
C ALA A 133 5.41 -1.43 -10.63
N ASP A 134 5.55 -1.50 -9.31
CA ASP A 134 5.19 -0.38 -8.47
C ASP A 134 6.29 0.66 -8.42
N ASP A 135 6.08 1.72 -7.64
CA ASP A 135 6.87 2.94 -7.74
C ASP A 135 8.17 2.84 -6.91
N ASP A 136 9.27 2.57 -7.59
CA ASP A 136 10.55 2.30 -6.90
C ASP A 136 11.31 3.59 -6.63
N VAL A 137 10.86 4.69 -7.22
CA VAL A 137 11.51 5.97 -7.01
C VAL A 137 11.07 6.60 -5.69
N ASN A 138 9.79 6.52 -5.38
CA ASN A 138 9.21 7.28 -4.27
C ASN A 138 8.86 6.39 -3.08
N THR A 139 8.75 5.09 -3.32
CA THR A 139 8.25 4.17 -2.30
C THR A 139 9.15 2.96 -2.17
N TYR A 140 8.81 2.08 -1.22
CA TYR A 140 9.46 0.78 -1.10
C TYR A 140 8.56 -0.31 -1.66
N ASN A 141 7.52 0.10 -2.39
CA ASN A 141 6.53 -0.83 -2.89
C ASN A 141 7.10 -1.80 -3.94
N ALA A 142 8.27 -1.46 -4.48
CA ALA A 142 8.91 -2.28 -5.49
C ALA A 142 10.25 -2.83 -5.00
N ALA A 143 10.49 -2.71 -3.70
CA ALA A 143 11.79 -3.06 -3.14
C ALA A 143 11.85 -4.53 -2.73
N ILE A 144 12.56 -5.33 -3.53
CA ILE A 144 12.42 -6.77 -3.51
C ILE A 144 13.51 -7.42 -2.66
N ALA A 145 13.11 -8.25 -1.72
CA ALA A 145 14.04 -9.17 -1.06
C ALA A 145 13.80 -10.60 -1.51
N TYR A 146 14.89 -11.30 -1.79
CA TYR A 146 14.84 -12.71 -2.17
C TYR A 146 15.14 -13.63 -0.98
N THR A 147 14.36 -14.69 -0.86
CA THR A 147 14.63 -15.74 0.10
C THR A 147 14.43 -17.12 -0.52
N ILE A 148 15.03 -18.13 0.11
CA ILE A 148 14.70 -19.51 -0.18
C ILE A 148 13.71 -20.05 0.83
N LEU A 149 12.68 -20.73 0.34
CA LEU A 149 11.66 -21.32 1.21
C LEU A 149 11.94 -22.79 1.49
N SER A 150 12.55 -23.49 0.54
CA SER A 150 12.71 -24.93 0.66
C SER A 150 13.75 -25.49 -0.31
N GLN A 151 14.19 -26.71 0.00
CA GLN A 151 15.18 -27.42 -0.81
C GLN A 151 14.84 -28.91 -0.88
N ASP A 152 14.78 -29.44 -2.10
CA ASP A 152 14.46 -30.85 -2.33
C ASP A 152 15.51 -31.46 -3.27
N PRO A 153 16.23 -32.47 -2.81
CA PRO A 153 16.06 -33.05 -1.49
C PRO A 153 16.82 -32.29 -0.40
N GLU A 154 16.64 -32.74 0.84
CA GLU A 154 17.32 -32.12 1.98
C GLU A 154 18.60 -32.89 2.34
N LEU A 155 19.36 -33.27 1.32
CA LEU A 155 20.53 -34.13 1.53
C LEU A 155 21.69 -33.72 0.62
N PRO A 156 22.90 -33.74 1.18
CA PRO A 156 23.15 -34.37 2.48
C PRO A 156 22.89 -33.43 3.66
N ASP A 157 22.74 -32.14 3.34
CA ASP A 157 22.34 -31.15 4.32
C ASP A 157 21.09 -30.44 3.81
N LYS A 158 20.28 -29.93 4.74
CA LYS A 158 18.98 -29.34 4.41
C LYS A 158 19.15 -27.98 3.74
N ASN A 159 20.21 -27.27 4.11
CA ASN A 159 20.44 -25.92 3.60
C ASN A 159 21.77 -25.82 2.83
N MET A 160 21.86 -26.52 1.71
CA MET A 160 23.10 -26.54 0.92
C MET A 160 23.43 -25.15 0.38
N PHE A 161 22.40 -24.34 0.18
CA PHE A 161 22.54 -23.09 -0.58
C PHE A 161 22.06 -21.89 0.22
N THR A 162 22.48 -20.71 -0.21
CA THR A 162 21.89 -19.48 0.27
C THR A 162 21.65 -18.52 -0.90
N ILE A 163 20.79 -17.54 -0.67
CA ILE A 163 20.52 -16.52 -1.67
C ILE A 163 20.75 -15.13 -1.10
N ASN A 164 21.37 -14.27 -1.89
CA ASN A 164 21.58 -12.90 -1.50
C ASN A 164 20.28 -12.10 -1.61
N ARG A 165 19.80 -11.56 -0.48
CA ARG A 165 18.42 -11.09 -0.44
C ARG A 165 18.23 -9.83 -1.28
N ASN A 166 19.34 -9.24 -1.70
CA ASN A 166 19.29 -8.08 -2.59
C ASN A 166 19.38 -8.47 -4.06
N THR A 167 20.32 -9.34 -4.39
CA THR A 167 20.72 -9.54 -5.80
C THR A 167 20.07 -10.80 -6.40
N GLY A 168 19.62 -11.71 -5.55
CA GLY A 168 19.03 -12.95 -6.02
C GLY A 168 20.05 -13.94 -6.54
N VAL A 169 21.32 -13.70 -6.25
CA VAL A 169 22.37 -14.67 -6.54
C VAL A 169 22.38 -15.80 -5.51
N ILE A 170 22.27 -17.02 -6.01
CA ILE A 170 22.33 -18.21 -5.16
C ILE A 170 23.75 -18.77 -5.11
N SER A 171 24.19 -19.11 -3.90
CA SER A 171 25.52 -19.67 -3.66
C SER A 171 25.42 -21.01 -2.94
N VAL A 172 26.39 -21.88 -3.17
CA VAL A 172 26.62 -23.05 -2.32
C VAL A 172 27.39 -22.63 -1.08
N VAL A 173 26.94 -23.06 0.10
CA VAL A 173 27.53 -22.57 1.35
C VAL A 173 28.04 -23.71 2.23
N THR A 174 28.01 -24.93 1.71
CA THR A 174 28.62 -26.07 2.41
C THR A 174 29.10 -27.12 1.42
N THR A 175 29.41 -28.30 1.95
CA THR A 175 30.14 -29.32 1.21
C THR A 175 29.24 -30.51 0.94
N GLY A 176 29.77 -31.49 0.20
CA GLY A 176 29.15 -32.80 0.09
C GLY A 176 28.19 -32.94 -1.07
N LEU A 177 28.38 -32.13 -2.12
CA LEU A 177 27.70 -32.37 -3.39
C LEU A 177 28.15 -33.70 -4.00
N ASP A 178 27.19 -34.49 -4.47
CA ASP A 178 27.46 -35.80 -5.04
C ASP A 178 26.39 -36.18 -6.04
N ARG A 179 26.69 -36.01 -7.32
CA ARG A 179 25.69 -36.09 -8.35
C ARG A 179 25.19 -37.53 -8.50
N GLU A 180 25.96 -38.47 -7.95
CA GLU A 180 25.60 -39.88 -8.07
C GLU A 180 24.61 -40.31 -6.99
N SER A 181 24.44 -39.47 -5.97
CA SER A 181 23.43 -39.74 -4.94
C SER A 181 22.28 -38.73 -5.05
N PHE A 182 22.62 -37.46 -5.20
CA PHE A 182 21.64 -36.40 -5.29
C PHE A 182 21.92 -35.51 -6.50
N PRO A 183 21.33 -35.84 -7.64
CA PRO A 183 21.75 -35.27 -8.92
C PRO A 183 21.34 -33.81 -9.09
N THR A 184 20.25 -33.40 -8.46
CA THR A 184 19.77 -32.03 -8.59
C THR A 184 19.24 -31.50 -7.25
N TYR A 185 19.23 -30.18 -7.13
CA TYR A 185 18.50 -29.51 -6.07
C TYR A 185 17.41 -28.61 -6.61
N THR A 186 16.20 -28.77 -6.07
CA THR A 186 15.08 -27.91 -6.44
C THR A 186 14.74 -26.97 -5.28
N LEU A 187 15.06 -25.69 -5.47
CA LEU A 187 14.79 -24.65 -4.49
C LEU A 187 13.52 -23.91 -4.88
N VAL A 188 12.61 -23.72 -3.92
CA VAL A 188 11.57 -22.70 -4.05
C VAL A 188 12.08 -21.36 -3.54
N VAL A 189 12.07 -20.38 -4.43
CA VAL A 189 12.54 -19.04 -4.09
C VAL A 189 11.36 -18.07 -4.03
N GLN A 190 11.45 -17.11 -3.12
CA GLN A 190 10.41 -16.11 -2.95
C GLN A 190 10.98 -14.73 -3.20
N ALA A 191 10.20 -13.89 -3.85
CA ALA A 191 10.51 -12.47 -3.94
C ALA A 191 9.38 -11.69 -3.28
N ALA A 192 9.73 -10.78 -2.38
CA ALA A 192 8.73 -10.02 -1.64
C ALA A 192 9.13 -8.56 -1.54
N ASP A 193 8.19 -7.67 -1.87
CA ASP A 193 8.46 -6.23 -1.80
C ASP A 193 8.32 -5.71 -0.37
N LEU A 194 8.31 -4.39 -0.22
CA LEU A 194 8.56 -3.77 1.07
C LEU A 194 9.75 -4.42 1.77
N GLN A 195 10.87 -4.50 1.06
CA GLN A 195 12.11 -5.05 1.61
C GLN A 195 11.88 -6.38 2.31
N GLY A 196 10.93 -7.15 1.79
CA GLY A 196 10.76 -8.52 2.20
C GLY A 196 9.51 -8.73 3.03
N GLU A 197 8.90 -7.63 3.47
CA GLU A 197 7.80 -7.72 4.43
C GLU A 197 6.45 -7.59 3.74
N GLY A 198 6.47 -7.46 2.41
CA GLY A 198 5.29 -7.04 1.65
C GLY A 198 4.68 -8.17 0.84
N LEU A 199 4.17 -7.85 -0.35
CA LEU A 199 3.54 -8.86 -1.20
C LEU A 199 4.62 -9.77 -1.78
N SER A 200 4.27 -11.01 -2.03
CA SER A 200 5.26 -12.02 -2.41
C SER A 200 4.75 -12.91 -3.54
N THR A 201 5.67 -13.43 -4.35
CA THR A 201 5.41 -14.63 -5.12
C THR A 201 6.60 -15.58 -5.03
N THR A 202 6.44 -16.77 -5.61
CA THR A 202 7.50 -17.77 -5.59
C THR A 202 7.81 -18.26 -7.00
N ALA A 203 9.02 -18.77 -7.19
CA ALA A 203 9.34 -19.53 -8.38
C ALA A 203 10.27 -20.68 -7.96
N THR A 204 10.83 -21.37 -8.93
CA THR A 204 11.65 -22.55 -8.65
C THR A 204 13.01 -22.37 -9.30
N ALA A 205 14.05 -22.77 -8.56
CA ALA A 205 15.40 -22.85 -9.11
C ALA A 205 15.92 -24.28 -9.01
N VAL A 206 16.30 -24.84 -10.15
CA VAL A 206 16.70 -26.24 -10.22
C VAL A 206 18.16 -26.34 -10.63
N ILE A 207 18.97 -26.91 -9.75
CA ILE A 207 20.41 -26.87 -9.90
C ILE A 207 20.93 -28.28 -10.18
N THR A 208 21.62 -28.42 -11.32
CA THR A 208 22.20 -29.70 -11.73
C THR A 208 23.61 -29.83 -11.22
N VAL A 209 23.90 -30.95 -10.55
CA VAL A 209 25.21 -31.17 -9.95
C VAL A 209 26.11 -31.86 -10.97
N THR A 210 27.25 -31.24 -11.25
CA THR A 210 28.17 -31.74 -12.26
C THR A 210 29.46 -32.24 -11.61
N ASP A 211 30.23 -33.03 -12.34
CA ASP A 211 31.60 -33.34 -11.92
C ASP A 211 32.56 -32.25 -12.39
N PRO B 3 -4.68 26.33 1.28
CA PRO B 3 -5.02 25.34 0.26
C PRO B 3 -4.46 23.96 0.60
N PRO B 4 -5.29 22.91 0.49
CA PRO B 4 -5.06 21.65 1.18
C PRO B 4 -3.91 20.84 0.58
N ILE B 5 -3.11 20.22 1.44
CA ILE B 5 -1.84 19.63 1.04
C ILE B 5 -1.83 18.18 1.48
N SER B 6 -1.12 17.34 0.73
CA SER B 6 -1.06 15.93 1.06
C SER B 6 0.34 15.37 0.87
N CYS B 7 0.65 14.34 1.63
CA CYS B 7 1.93 13.66 1.51
C CYS B 7 1.78 12.18 1.88
N PRO B 8 2.20 11.28 0.98
CA PRO B 8 2.18 9.86 1.27
C PRO B 8 3.05 9.52 2.48
N GLU B 9 2.61 8.54 3.26
CA GLU B 9 3.45 7.96 4.30
C GLU B 9 4.53 7.05 3.73
N ASN B 10 5.66 6.97 4.42
CA ASN B 10 6.71 6.00 4.12
C ASN B 10 7.51 6.30 2.87
N GLU B 11 7.64 7.58 2.51
CA GLU B 11 8.36 7.94 1.31
C GLU B 11 9.86 7.71 1.50
N LYS B 12 10.53 7.41 0.39
CA LYS B 12 11.98 7.42 0.35
C LYS B 12 12.50 8.85 0.38
N GLY B 13 13.72 9.02 0.89
CA GLY B 13 14.44 10.27 0.73
C GLY B 13 14.78 10.54 -0.72
N PRO B 14 15.45 11.66 -0.97
CA PRO B 14 16.14 12.39 0.08
C PRO B 14 15.22 13.38 0.78
N PHE B 15 15.59 13.75 2.01
CA PHE B 15 14.83 14.75 2.76
C PHE B 15 15.73 15.95 3.03
N PRO B 16 15.13 17.13 3.16
CA PRO B 16 13.68 17.26 3.23
C PRO B 16 13.04 17.38 1.86
N LYS B 17 11.73 17.19 1.80
CA LYS B 17 10.99 17.34 0.55
C LYS B 17 10.08 18.55 0.62
N ASN B 18 10.09 19.35 -0.43
CA ASN B 18 9.16 20.46 -0.56
C ASN B 18 7.72 19.97 -0.58
N LEU B 19 6.85 20.68 0.13
CA LEU B 19 5.43 20.41 0.08
C LEU B 19 4.70 21.51 -0.67
N VAL B 20 4.90 22.75 -0.22
CA VAL B 20 4.26 23.91 -0.84
C VAL B 20 4.97 25.17 -0.40
N GLN B 21 4.99 26.17 -1.26
CA GLN B 21 5.56 27.46 -0.91
C GLN B 21 4.49 28.41 -0.42
N ILE B 22 4.64 28.87 0.82
CA ILE B 22 3.75 29.88 1.38
C ILE B 22 4.18 31.26 0.91
N LYS B 23 3.21 32.12 0.65
CA LYS B 23 3.47 33.51 0.30
C LYS B 23 2.60 34.44 1.11
N SER B 24 3.13 35.62 1.43
CA SER B 24 2.31 36.80 1.67
C SER B 24 2.48 37.81 0.54
N ASN B 25 1.36 38.37 0.09
CA ASN B 25 1.40 39.50 -0.84
C ASN B 25 1.88 40.77 -0.14
N LYS B 26 2.44 40.60 1.06
CA LYS B 26 3.02 41.71 1.79
C LYS B 26 4.52 41.82 1.51
N ASP B 27 5.01 40.97 0.61
CA ASP B 27 6.42 40.97 0.25
C ASP B 27 6.74 42.12 -0.69
N LYS B 28 5.70 42.83 -1.13
CA LYS B 28 5.88 44.09 -1.85
C LYS B 28 6.85 45.00 -1.09
N GLU B 29 6.73 45.01 0.22
CA GLU B 29 7.25 46.11 1.03
C GLU B 29 8.71 45.85 1.44
N GLY B 30 9.04 44.58 1.67
CA GLY B 30 10.38 44.21 2.10
C GLY B 30 10.45 42.74 2.47
N LYS B 31 11.33 42.43 3.41
CA LYS B 31 11.51 41.05 3.86
C LYS B 31 10.35 40.62 4.76
N VAL B 32 9.75 39.48 4.43
CA VAL B 32 8.95 38.72 5.38
C VAL B 32 9.70 37.47 5.81
N PHE B 33 9.57 37.13 7.10
CA PHE B 33 10.14 35.90 7.61
C PHE B 33 9.04 34.93 8.03
N TYR B 34 9.16 33.68 7.59
CA TYR B 34 8.10 32.70 7.76
C TYR B 34 8.46 31.73 8.88
N SER B 35 7.47 31.39 9.70
CA SER B 35 7.59 30.30 10.66
C SER B 35 6.28 29.52 10.76
N ILE B 36 6.32 28.35 11.40
CA ILE B 36 5.12 27.56 11.62
C ILE B 36 4.99 27.08 13.05
N THR B 37 3.75 27.02 13.53
CA THR B 37 3.44 26.40 14.82
C THR B 37 2.50 25.21 14.64
N GLY B 38 2.50 24.33 15.64
CA GLY B 38 1.46 23.31 15.77
C GLY B 38 2.09 21.96 16.02
N GLN B 39 1.25 20.97 16.34
CA GLN B 39 1.73 19.60 16.53
C GLN B 39 2.28 19.03 15.23
N GLY B 40 3.57 18.71 15.23
CA GLY B 40 4.30 18.39 14.00
C GLY B 40 5.29 19.46 13.59
N ALA B 41 5.11 20.66 14.14
CA ALA B 41 6.01 21.78 13.85
C ALA B 41 6.84 22.12 15.08
N ASP B 42 6.21 22.78 16.06
CA ASP B 42 6.90 23.21 17.26
C ASP B 42 6.45 22.44 18.49
N THR B 43 5.31 21.77 18.40
CA THR B 43 4.91 20.79 19.41
C THR B 43 4.92 19.36 18.86
N PRO B 44 4.84 18.37 19.75
CA PRO B 44 5.19 17.02 19.36
C PRO B 44 4.21 16.43 18.33
N PRO B 45 4.75 15.79 17.31
CA PRO B 45 6.18 15.54 17.20
C PRO B 45 6.91 16.72 16.56
N VAL B 46 8.01 17.14 17.18
CA VAL B 46 8.66 18.40 16.85
C VAL B 46 9.51 18.25 15.59
N GLY B 47 9.34 19.17 14.65
CA GLY B 47 10.28 19.31 13.54
C GLY B 47 10.02 18.36 12.38
N VAL B 48 8.85 17.75 12.36
CA VAL B 48 8.49 16.87 11.25
C VAL B 48 8.27 17.72 10.01
N PHE B 49 7.68 18.88 10.21
CA PHE B 49 7.59 19.89 9.17
C PHE B 49 8.42 21.11 9.55
N ILE B 50 9.16 21.65 8.59
CA ILE B 50 9.79 22.96 8.75
C ILE B 50 9.38 23.89 7.63
N ILE B 51 9.67 25.17 7.80
CA ILE B 51 9.49 26.16 6.74
C ILE B 51 10.73 27.03 6.61
N GLU B 52 11.16 27.27 5.37
CA GLU B 52 12.27 28.16 5.10
C GLU B 52 11.87 29.60 5.41
N ARG B 53 12.65 30.26 6.26
CA ARG B 53 12.28 31.57 6.81
C ARG B 53 12.00 32.57 5.70
N GLU B 54 12.78 32.50 4.64
CA GLU B 54 12.77 33.55 3.61
C GLU B 54 11.91 33.13 2.43
N THR B 55 12.09 31.89 1.97
CA THR B 55 11.42 31.42 0.76
C THR B 55 9.98 31.01 1.05
N GLY B 56 9.71 30.66 2.31
CA GLY B 56 8.38 30.21 2.71
C GLY B 56 8.06 28.82 2.20
N TRP B 57 9.07 28.10 1.73
CA TRP B 57 8.92 26.70 1.36
C TRP B 57 8.65 25.84 2.59
N LEU B 58 7.41 25.36 2.70
CA LEU B 58 7.07 24.34 3.68
C LEU B 58 7.64 22.99 3.26
N LYS B 59 8.36 22.34 4.17
CA LYS B 59 9.03 21.08 3.84
C LYS B 59 8.66 19.99 4.84
N VAL B 60 8.89 18.74 4.45
CA VAL B 60 8.79 17.62 5.37
C VAL B 60 10.15 16.94 5.49
N THR B 61 10.53 16.58 6.71
CA THR B 61 11.94 16.35 7.04
C THR B 61 12.26 14.87 7.22
N GLU B 62 11.23 14.04 7.27
CA GLU B 62 11.41 12.60 7.47
C GLU B 62 10.18 11.85 6.96
N PRO B 63 10.30 10.52 6.79
CA PRO B 63 9.12 9.77 6.39
C PRO B 63 8.00 9.92 7.41
N LEU B 64 6.76 9.92 6.93
CA LEU B 64 5.60 10.03 7.80
C LEU B 64 5.01 8.65 8.07
N ASP B 65 4.22 8.54 9.13
CA ASP B 65 3.49 7.33 9.43
C ASP B 65 2.02 7.67 9.65
N ARG B 66 1.18 7.35 8.65
CA ARG B 66 -0.22 7.71 8.73
C ARG B 66 -0.86 7.16 10.00
N GLU B 67 -0.39 6.01 10.47
CA GLU B 67 -1.00 5.36 11.64
C GLU B 67 -0.55 6.01 12.96
N ARG B 68 0.42 6.92 12.88
CA ARG B 68 0.72 7.79 14.00
C ARG B 68 -0.18 9.02 13.95
N ILE B 69 -0.04 9.80 12.89
CA ILE B 69 -0.89 10.97 12.68
C ILE B 69 -1.26 11.07 11.22
N ALA B 70 -2.56 11.11 10.95
CA ALA B 70 -3.06 11.06 9.58
C ALA B 70 -3.37 12.47 9.05
N THR B 71 -3.61 13.41 9.96
CA THR B 71 -3.82 14.80 9.56
C THR B 71 -3.09 15.77 10.51
N TYR B 72 -2.35 16.71 9.94
CA TYR B 72 -1.69 17.73 10.74
C TYR B 72 -2.39 19.07 10.54
N THR B 73 -2.54 19.83 11.63
CA THR B 73 -3.04 21.20 11.55
C THR B 73 -1.98 22.19 12.05
N LEU B 74 -1.30 22.83 11.11
CA LEU B 74 -0.26 23.80 11.44
C LEU B 74 -0.78 25.22 11.25
N PHE B 75 0.00 26.20 11.67
CA PHE B 75 -0.27 27.60 11.34
C PHE B 75 1.00 28.28 10.87
N SER B 76 0.91 28.99 9.76
CA SER B 76 2.03 29.75 9.23
C SER B 76 1.99 31.18 9.76
N HIS B 77 3.16 31.68 10.14
CA HIS B 77 3.29 33.04 10.64
C HIS B 77 4.20 33.85 9.72
N ALA B 78 3.86 35.11 9.51
CA ALA B 78 4.65 35.98 8.65
C ALA B 78 5.01 37.28 9.38
N VAL B 79 6.31 37.59 9.41
CA VAL B 79 6.82 38.65 10.28
C VAL B 79 7.81 39.53 9.51
N SER B 80 7.55 40.83 9.48
CA SER B 80 8.46 41.78 8.84
C SER B 80 9.85 41.68 9.46
N SER B 81 10.87 42.01 8.68
CA SER B 81 12.24 41.93 9.15
C SER B 81 12.48 42.89 10.31
N ASN B 82 11.51 43.75 10.57
CA ASN B 82 11.58 44.69 11.69
C ASN B 82 10.90 44.15 12.95
N GLY B 83 10.01 43.17 12.78
CA GLY B 83 9.67 42.26 13.87
C GLY B 83 8.19 42.28 14.23
N ASN B 84 7.36 42.77 13.32
CA ASN B 84 5.92 42.76 13.52
C ASN B 84 5.26 41.74 12.61
N ALA B 85 4.23 41.07 13.13
CA ALA B 85 3.39 40.21 12.30
C ALA B 85 2.71 41.04 11.21
N VAL B 86 2.94 40.65 9.96
CA VAL B 86 2.31 41.33 8.83
C VAL B 86 1.02 40.61 8.39
N GLU B 87 0.75 39.46 8.98
CA GLU B 87 -0.48 38.71 8.71
C GLU B 87 -1.04 38.11 9.99
N ASP B 88 -2.33 37.81 9.98
CA ASP B 88 -2.87 36.74 10.82
C ASP B 88 -2.19 35.40 10.52
N PRO B 89 -2.03 34.55 11.54
CA PRO B 89 -1.55 33.19 11.31
C PRO B 89 -2.53 32.40 10.46
N MET B 90 -2.01 31.67 9.48
CA MET B 90 -2.85 31.05 8.45
C MET B 90 -2.81 29.53 8.56
N GLU B 91 -3.98 28.92 8.64
CA GLU B 91 -4.09 27.50 8.93
C GLU B 91 -3.64 26.66 7.75
N ILE B 92 -2.87 25.62 8.04
CA ILE B 92 -2.38 24.71 7.03
C ILE B 92 -2.77 23.29 7.41
N LEU B 93 -3.50 22.63 6.52
CA LEU B 93 -3.92 21.24 6.72
C LEU B 93 -3.09 20.31 5.85
N ILE B 94 -2.40 19.37 6.48
CA ILE B 94 -1.61 18.39 5.76
C ILE B 94 -2.21 17.00 5.97
N THR B 95 -2.66 16.40 4.87
CA THR B 95 -3.22 15.06 4.90
C THR B 95 -2.14 14.03 4.57
N VAL B 96 -1.97 13.06 5.46
CA VAL B 96 -1.02 11.97 5.20
C VAL B 96 -1.76 10.79 4.58
N THR B 97 -1.43 10.48 3.33
CA THR B 97 -2.15 9.43 2.61
C THR B 97 -1.53 8.05 2.79
N ASP B 98 -2.37 7.03 2.71
CA ASP B 98 -2.08 5.73 3.29
C ASP B 98 -1.20 4.91 2.36
N GLN B 99 -0.35 4.07 2.95
CA GLN B 99 0.13 2.86 2.30
C GLN B 99 -0.33 1.64 3.09
N ASN B 100 -0.36 0.49 2.43
CA ASN B 100 -0.73 -0.75 3.11
C ASN B 100 0.46 -1.37 3.81
N ASP B 101 0.74 -0.91 5.03
CA ASP B 101 1.94 -1.34 5.74
C ASP B 101 1.57 -1.94 7.09
N ASN B 102 0.29 -2.22 7.28
CA ASN B 102 -0.16 -3.00 8.42
C ASN B 102 -0.90 -4.26 7.97
N LYS B 103 -0.40 -5.40 8.41
CA LYS B 103 -1.12 -6.66 8.31
C LYS B 103 -2.37 -6.56 9.17
N PRO B 104 -3.43 -7.27 8.75
CA PRO B 104 -4.54 -7.52 9.66
C PRO B 104 -4.07 -8.25 10.91
N GLU B 105 -4.81 -8.08 11.99
CA GLU B 105 -4.44 -8.68 13.26
C GLU B 105 -5.68 -9.21 13.92
N PHE B 106 -5.70 -10.50 14.17
CA PHE B 106 -6.83 -11.11 14.87
C PHE B 106 -6.89 -10.58 16.29
N THR B 107 -8.10 -10.48 16.82
CA THR B 107 -8.31 -9.88 18.12
C THR B 107 -7.87 -10.83 19.23
N GLN B 108 -7.70 -12.11 18.90
CA GLN B 108 -6.99 -13.03 19.77
C GLN B 108 -6.37 -14.16 18.98
N GLU B 109 -5.45 -14.88 19.62
CA GLU B 109 -4.65 -15.88 18.93
C GLU B 109 -5.41 -17.19 18.81
N VAL B 110 -6.38 -17.40 19.69
CA VAL B 110 -7.15 -18.63 19.69
C VAL B 110 -8.60 -18.32 20.02
N PHE B 111 -9.48 -18.55 19.05
CA PHE B 111 -10.91 -18.41 19.26
C PHE B 111 -11.54 -19.77 19.57
N LYS B 112 -12.54 -19.76 20.45
CA LYS B 112 -13.22 -20.99 20.85
C LYS B 112 -14.67 -21.00 20.37
N GLY B 113 -15.12 -22.15 19.90
CA GLY B 113 -16.54 -22.36 19.63
C GLY B 113 -16.93 -23.81 19.85
N SER B 114 -18.23 -24.05 19.93
CA SER B 114 -18.73 -25.42 20.01
C SER B 114 -19.92 -25.64 19.08
N VAL B 115 -20.26 -26.90 18.86
CA VAL B 115 -21.25 -27.26 17.84
C VAL B 115 -21.79 -28.65 18.10
N MET B 116 -23.12 -28.77 18.20
CA MET B 116 -23.76 -30.07 18.37
C MET B 116 -23.43 -30.98 17.20
N GLU B 117 -23.06 -32.23 17.50
CA GLU B 117 -22.72 -33.19 16.47
C GLU B 117 -23.91 -33.47 15.56
N GLY B 118 -25.10 -33.12 16.03
CA GLY B 118 -26.31 -33.23 15.22
C GLY B 118 -26.68 -31.91 14.54
N ALA B 119 -25.67 -31.19 14.06
CA ALA B 119 -25.89 -29.89 13.46
C ALA B 119 -25.99 -30.00 11.94
N LEU B 120 -27.03 -29.39 11.38
CA LEU B 120 -27.22 -29.37 9.94
C LEU B 120 -26.10 -28.57 9.27
N PRO B 121 -25.68 -29.00 8.08
CA PRO B 121 -24.87 -28.15 7.20
C PRO B 121 -25.50 -26.78 7.00
N GLY B 122 -24.69 -25.73 7.20
CA GLY B 122 -25.18 -24.36 7.12
C GLY B 122 -25.42 -23.77 8.50
N THR B 123 -25.05 -24.52 9.53
CA THR B 123 -25.24 -24.07 10.91
C THR B 123 -24.03 -23.26 11.37
N SER B 124 -24.26 -22.01 11.73
CA SER B 124 -23.21 -21.14 12.26
C SER B 124 -22.63 -21.73 13.54
N VAL B 125 -21.30 -21.78 13.60
CA VAL B 125 -20.61 -22.26 14.80
C VAL B 125 -20.12 -21.11 15.65
N MET B 126 -19.25 -20.28 15.06
CA MET B 126 -18.56 -19.23 15.81
C MET B 126 -18.16 -18.10 14.85
N GLU B 127 -17.47 -17.10 15.38
CA GLU B 127 -17.03 -15.96 14.57
C GLU B 127 -15.62 -15.51 14.97
N VAL B 128 -14.73 -15.39 13.99
CA VAL B 128 -13.42 -14.81 14.24
C VAL B 128 -13.34 -13.39 13.69
N THR B 129 -12.42 -12.60 14.21
CA THR B 129 -12.39 -11.17 13.95
C THR B 129 -10.96 -10.65 13.90
N ALA B 130 -10.65 -9.91 12.84
CA ALA B 130 -9.39 -9.18 12.75
C ALA B 130 -9.66 -7.69 12.60
N THR B 131 -8.64 -6.89 12.94
CA THR B 131 -8.62 -5.47 12.57
C THR B 131 -7.39 -5.12 11.73
N ASP B 132 -7.44 -3.98 11.07
CA ASP B 132 -6.34 -3.51 10.23
C ASP B 132 -6.22 -1.98 10.36
N ALA B 133 -5.02 -1.50 10.67
CA ALA B 133 -4.84 -0.12 11.10
C ALA B 133 -4.75 0.84 9.89
N ASP B 134 -4.73 0.29 8.69
CA ASP B 134 -4.63 1.09 7.48
C ASP B 134 -5.96 1.77 7.12
N ASP B 135 -5.99 2.48 6.00
CA ASP B 135 -7.06 3.45 5.73
C ASP B 135 -8.32 2.76 5.20
N ASP B 136 -9.26 2.49 6.09
CA ASP B 136 -10.47 1.76 5.72
C ASP B 136 -11.50 2.66 5.06
N VAL B 137 -11.28 3.98 5.12
CA VAL B 137 -12.24 4.92 4.54
C VAL B 137 -11.97 5.15 3.07
N ASN B 138 -10.69 5.37 2.74
CA ASN B 138 -10.33 5.79 1.40
C ASN B 138 -9.77 4.67 0.52
N THR B 139 -9.33 3.58 1.14
CA THR B 139 -8.62 2.54 0.41
C THR B 139 -9.22 1.17 0.70
N TYR B 140 -8.60 0.15 0.10
CA TYR B 140 -8.91 -1.24 0.40
C TYR B 140 -7.81 -1.86 1.25
N ASN B 141 -6.93 -1.01 1.77
CA ASN B 141 -5.76 -1.47 2.50
C ASN B 141 -6.10 -2.10 3.84
N ALA B 142 -7.35 -1.92 4.26
CA ALA B 142 -7.82 -2.51 5.50
C ALA B 142 -9.05 -3.39 5.26
N ALA B 143 -9.23 -3.81 4.00
CA ALA B 143 -10.43 -4.57 3.63
C ALA B 143 -10.15 -6.06 3.73
N ILE B 144 -10.69 -6.69 4.77
CA ILE B 144 -10.21 -8.00 5.19
C ILE B 144 -11.09 -9.10 4.61
N ALA B 145 -10.46 -10.14 4.08
CA ALA B 145 -11.16 -11.37 3.73
C ALA B 145 -10.64 -12.54 4.56
N TYR B 146 -11.56 -13.30 5.13
CA TYR B 146 -11.22 -14.46 5.97
C TYR B 146 -11.24 -15.76 5.17
N THR B 147 -10.24 -16.61 5.41
CA THR B 147 -10.18 -17.93 4.81
C THR B 147 -9.76 -18.95 5.87
N ILE B 148 -10.07 -20.22 5.62
CA ILE B 148 -9.52 -21.30 6.42
C ILE B 148 -8.40 -22.00 5.67
N LEU B 149 -7.30 -22.28 6.37
CA LEU B 149 -6.10 -22.81 5.73
C LEU B 149 -5.91 -24.30 6.00
N SER B 150 -6.34 -24.74 7.19
CA SER B 150 -6.08 -26.11 7.63
C SER B 150 -7.12 -26.57 8.65
N GLN B 151 -7.30 -27.88 8.75
CA GLN B 151 -8.17 -28.48 9.75
C GLN B 151 -7.52 -29.70 10.37
N ASP B 152 -7.75 -29.88 11.67
CA ASP B 152 -7.14 -30.97 12.42
C ASP B 152 -8.08 -31.46 13.51
N PRO B 153 -8.35 -32.76 13.51
CA PRO B 153 -7.87 -33.66 12.46
C PRO B 153 -8.67 -33.52 11.17
N GLU B 154 -8.37 -34.37 10.20
CA GLU B 154 -8.98 -34.27 8.87
C GLU B 154 -10.04 -35.34 8.65
N LEU B 155 -10.91 -35.51 9.63
CA LEU B 155 -11.88 -36.60 9.63
C LEU B 155 -13.14 -36.17 10.39
N PRO B 156 -14.30 -36.60 9.89
CA PRO B 156 -14.38 -37.61 8.85
C PRO B 156 -14.06 -37.06 7.46
N ASP B 157 -14.28 -35.76 7.28
CA ASP B 157 -13.78 -35.06 6.11
C ASP B 157 -12.78 -33.99 6.51
N LYS B 158 -11.91 -33.63 5.57
CA LYS B 158 -10.93 -32.56 5.79
C LYS B 158 -11.62 -31.21 5.95
N ASN B 159 -12.79 -31.04 5.34
CA ASN B 159 -13.45 -29.74 5.28
C ASN B 159 -14.82 -29.77 5.95
N MET B 160 -14.81 -29.92 7.27
CA MET B 160 -16.05 -30.01 8.02
C MET B 160 -16.72 -28.65 8.15
N PHE B 161 -15.94 -27.60 7.93
CA PHE B 161 -16.41 -26.23 8.17
C PHE B 161 -16.07 -25.33 6.98
N THR B 162 -16.81 -24.23 6.87
CA THR B 162 -16.45 -23.15 5.95
C THR B 162 -16.51 -21.82 6.69
N ILE B 163 -15.90 -20.80 6.12
CA ILE B 163 -15.89 -19.48 6.75
C ILE B 163 -16.43 -18.42 5.80
N ASN B 164 -17.28 -17.54 6.33
CA ASN B 164 -17.77 -16.41 5.55
C ASN B 164 -16.64 -15.43 5.21
N ARG B 165 -16.42 -15.23 3.92
CA ARG B 165 -15.30 -14.43 3.44
C ARG B 165 -15.27 -13.06 4.12
N ASN B 166 -16.44 -12.48 4.33
CA ASN B 166 -16.55 -11.09 4.76
C ASN B 166 -16.64 -10.94 6.27
N THR B 167 -17.40 -11.83 6.91
CA THR B 167 -17.81 -11.62 8.30
C THR B 167 -16.94 -12.41 9.28
N GLY B 168 -16.28 -13.45 8.78
CA GLY B 168 -15.51 -14.36 9.62
C GLY B 168 -16.36 -15.34 10.40
N VAL B 169 -17.63 -15.45 10.06
CA VAL B 169 -18.49 -16.46 10.67
C VAL B 169 -18.15 -17.85 10.12
N ILE B 170 -17.87 -18.77 11.03
CA ILE B 170 -17.56 -20.15 10.66
C ILE B 170 -18.80 -21.02 10.82
N SER B 171 -18.99 -21.92 9.86
CA SER B 171 -20.20 -22.74 9.81
C SER B 171 -19.84 -24.18 9.48
N VAL B 172 -20.70 -25.11 9.91
CA VAL B 172 -20.64 -26.49 9.45
C VAL B 172 -21.02 -26.59 7.97
N VAL B 173 -20.21 -27.31 7.20
CA VAL B 173 -20.37 -27.35 5.75
C VAL B 173 -20.84 -28.73 5.29
N THR B 174 -20.65 -29.74 6.14
CA THR B 174 -20.85 -31.13 5.74
C THR B 174 -21.18 -31.99 6.96
N THR B 175 -21.39 -33.28 6.71
CA THR B 175 -22.02 -34.17 7.69
C THR B 175 -20.96 -34.96 8.45
N GLY B 176 -21.36 -35.56 9.57
CA GLY B 176 -20.58 -36.60 10.21
C GLY B 176 -19.90 -36.14 11.50
N LEU B 177 -20.45 -35.08 12.10
CA LEU B 177 -19.99 -34.63 13.41
C LEU B 177 -20.32 -35.69 14.47
N ASP B 178 -19.30 -36.07 15.23
CA ASP B 178 -19.47 -37.13 16.22
C ASP B 178 -18.51 -36.96 17.39
N ARG B 179 -19.07 -36.59 18.55
CA ARG B 179 -18.26 -36.23 19.72
C ARG B 179 -17.30 -37.36 20.10
N GLU B 180 -17.84 -38.59 20.16
CA GLU B 180 -17.11 -39.69 20.77
C GLU B 180 -15.90 -40.09 19.93
N SER B 181 -16.01 -39.92 18.61
CA SER B 181 -14.91 -40.22 17.72
C SER B 181 -13.96 -39.03 17.58
N PHE B 182 -14.53 -37.83 17.47
CA PHE B 182 -13.74 -36.61 17.34
C PHE B 182 -14.40 -35.44 18.06
N PRO B 183 -13.89 -35.10 19.25
CA PRO B 183 -14.53 -34.07 20.08
C PRO B 183 -14.04 -32.66 19.77
N THR B 184 -12.99 -32.56 18.95
CA THR B 184 -12.19 -31.34 18.87
C THR B 184 -11.64 -31.14 17.47
N TYR B 185 -11.96 -30.00 16.86
CA TYR B 185 -11.29 -29.59 15.62
C TYR B 185 -10.52 -28.29 15.81
N THR B 186 -9.34 -28.23 15.21
CA THR B 186 -8.49 -27.06 15.32
C THR B 186 -8.22 -26.48 13.94
N LEU B 187 -8.88 -25.36 13.63
CA LEU B 187 -8.67 -24.69 12.35
C LEU B 187 -7.60 -23.62 12.46
N VAL B 188 -6.77 -23.53 11.43
CA VAL B 188 -6.00 -22.33 11.16
C VAL B 188 -6.79 -21.40 10.24
N VAL B 189 -7.09 -20.20 10.73
CA VAL B 189 -7.81 -19.21 9.93
C VAL B 189 -6.87 -18.08 9.54
N GLN B 190 -7.18 -17.43 8.43
CA GLN B 190 -6.35 -16.35 7.91
C GLN B 190 -7.18 -15.11 7.59
N ALA B 191 -6.61 -13.95 7.86
CA ALA B 191 -7.19 -12.68 7.46
C ALA B 191 -6.21 -11.94 6.57
N ALA B 192 -6.70 -11.49 5.42
CA ALA B 192 -5.85 -10.83 4.43
C ALA B 192 -6.56 -9.58 3.91
N ASP B 193 -5.82 -8.48 3.79
CA ASP B 193 -6.41 -7.24 3.30
C ASP B 193 -6.33 -7.16 1.77
N LEU B 194 -6.57 -5.98 1.22
CA LEU B 194 -6.93 -5.83 -0.19
C LEU B 194 -7.95 -6.88 -0.64
N GLN B 195 -8.98 -7.06 0.20
CA GLN B 195 -10.04 -8.01 -0.10
C GLN B 195 -9.48 -9.40 -0.39
N GLY B 196 -8.43 -9.78 0.34
CA GLY B 196 -7.98 -11.15 0.36
C GLY B 196 -6.67 -11.32 -0.38
N GLU B 197 -6.31 -10.32 -1.18
CA GLU B 197 -5.17 -10.43 -2.08
C GLU B 197 -3.90 -9.87 -1.45
N GLY B 198 -3.99 -9.46 -0.19
CA GLY B 198 -3.03 -8.52 0.38
C GLY B 198 -2.18 -9.13 1.48
N LEU B 199 -1.74 -8.28 2.41
CA LEU B 199 -1.02 -8.75 3.59
C LEU B 199 -1.93 -9.62 4.44
N SER B 200 -1.34 -10.54 5.20
CA SER B 200 -2.12 -11.60 5.84
C SER B 200 -1.52 -12.02 7.18
N THR B 201 -2.40 -12.47 8.06
CA THR B 201 -2.02 -13.06 9.34
C THR B 201 -2.87 -14.30 9.59
N THR B 202 -2.46 -15.15 10.53
CA THR B 202 -3.23 -16.33 10.87
C THR B 202 -3.55 -16.38 12.35
N ALA B 203 -4.65 -17.04 12.68
CA ALA B 203 -4.92 -17.42 14.06
C ALA B 203 -5.49 -18.83 14.10
N THR B 204 -6.02 -19.23 15.26
CA THR B 204 -6.55 -20.57 15.44
C THR B 204 -7.98 -20.52 15.95
N ALA B 205 -8.83 -21.37 15.40
CA ALA B 205 -10.16 -21.60 15.96
C ALA B 205 -10.29 -23.05 16.46
N VAL B 206 -10.71 -23.20 17.70
CA VAL B 206 -10.77 -24.51 18.33
C VAL B 206 -12.22 -24.86 18.65
N ILE B 207 -12.75 -25.81 17.91
CA ILE B 207 -14.18 -26.13 17.99
C ILE B 207 -14.40 -27.44 18.74
N THR B 208 -15.29 -27.39 19.74
CA THR B 208 -15.66 -28.57 20.50
C THR B 208 -17.00 -29.13 20.01
N VAL B 209 -17.04 -30.44 19.80
CA VAL B 209 -18.27 -31.10 19.38
C VAL B 209 -19.05 -31.57 20.61
N THR B 210 -20.23 -30.99 20.81
CA THR B 210 -21.04 -31.31 21.98
C THR B 210 -22.11 -32.34 21.63
N ASP B 211 -22.63 -33.00 22.66
CA ASP B 211 -23.76 -33.90 22.51
C ASP B 211 -24.98 -33.14 21.99
#